data_1BO6
#
_entry.id   1BO6
#
_cell.length_a   96.292
_cell.length_b   78.909
_cell.length_c   80.362
_cell.angle_alpha   90.00
_cell.angle_beta   90.00
_cell.angle_gamma   90.00
#
_symmetry.space_group_name_H-M   'P 21 21 2'
#
loop_
_entity.id
_entity.type
_entity.pdbx_description
1 polymer 'ESTROGEN SULFOTRANSFERASE'
2 non-polymer 'VANADATE ION'
3 non-polymer "ADENOSINE-3'-5'-DIPHOSPHATE"
4 water water
#
_entity_poly.entity_id   1
_entity_poly.type   'polypeptide(L)'
_entity_poly.pdbx_seq_one_letter_code
;GSMETSMPEYYEVFGEFRGVLMDKRFTKYWEDVEMFLARPDDLVIATYPKSGTTWISEVVYMIYKEGDVEKCKEDAIFNR
IPYLECRNEDLINGIKQLKEKESPRIVKTHLPPKLLPASFWEKNCKMIYLCRNAKDVAVSYYYFLLMITSYPNPKSFSEF
VEKFMQGQVPYGSWYDHVKAWWEKSKNSRVLFMFYEDMKEDIRREVVKLIEFLERKPSAELVDRIIQHTSFQEMKNNPST
NYTMMPEEMMNQKVSPFMRKGIIGDWKNHFPEALRERFDEHYKQQMKDCTVKFRMEL
;
_entity_poly.pdbx_strand_id   A,B
#
loop_
_chem_comp.id
_chem_comp.type
_chem_comp.name
_chem_comp.formula
A3P RNA linking ADENOSINE-3'-5'-DIPHOSPHATE 'C10 H15 N5 O10 P2'
VO4 non-polymer 'VANADATE ION' 'O4 V -3'
#
# COMPACT_ATOMS: atom_id res chain seq x y z
N PRO A 8 8.61 -4.13 17.80
CA PRO A 8 9.64 -5.11 17.37
C PRO A 8 11.07 -4.58 17.49
N GLU A 9 11.97 -5.50 17.83
CA GLU A 9 13.35 -5.25 18.02
C GLU A 9 13.96 -4.98 16.64
N TYR A 10 15.07 -4.28 16.66
CA TYR A 10 15.84 -3.90 15.45
C TYR A 10 16.12 -5.12 14.57
N TYR A 11 16.63 -6.19 15.17
CA TYR A 11 16.96 -7.38 14.40
C TYR A 11 15.79 -8.33 14.15
N GLU A 12 14.59 -7.88 14.53
CA GLU A 12 13.40 -8.67 14.28
C GLU A 12 12.94 -8.12 12.93
N VAL A 13 13.15 -6.81 12.77
CA VAL A 13 12.77 -6.11 11.54
C VAL A 13 13.83 -6.31 10.46
N PHE A 14 15.10 -6.28 10.85
CA PHE A 14 16.21 -6.43 9.90
C PHE A 14 17.00 -7.71 10.10
N GLY A 15 17.36 -8.33 8.98
CA GLY A 15 18.13 -9.56 9.03
C GLY A 15 19.22 -9.59 7.97
N GLU A 16 20.34 -10.19 8.35
CA GLU A 16 21.49 -10.31 7.46
C GLU A 16 21.15 -11.27 6.35
N PHE A 17 21.27 -10.80 5.12
CA PHE A 17 20.97 -11.64 3.97
C PHE A 17 22.12 -11.65 2.99
N ARG A 18 22.80 -12.79 2.90
CA ARG A 18 23.94 -12.91 1.99
C ARG A 18 24.95 -11.81 2.29
N GLY A 19 25.23 -11.62 3.57
CA GLY A 19 26.19 -10.62 4.00
C GLY A 19 25.69 -9.19 4.05
N VAL A 20 24.42 -8.97 3.71
CA VAL A 20 23.85 -7.62 3.69
C VAL A 20 22.64 -7.49 4.61
N LEU A 21 22.71 -6.64 5.62
CA LEU A 21 21.57 -6.45 6.51
C LEU A 21 20.44 -5.92 5.66
N MET A 22 19.29 -6.59 5.72
CA MET A 22 18.15 -6.20 4.91
C MET A 22 16.83 -6.20 5.66
N ASP A 23 15.85 -5.50 5.11
CA ASP A 23 14.51 -5.46 5.68
C ASP A 23 13.99 -6.86 5.35
N LYS A 24 13.65 -7.63 6.37
CA LYS A 24 13.17 -9.00 6.16
C LYS A 24 12.00 -9.10 5.18
N ARG A 25 11.26 -8.01 5.03
CA ARG A 25 10.14 -8.01 4.12
C ARG A 25 10.59 -8.02 2.65
N PHE A 26 11.80 -7.52 2.41
CA PHE A 26 12.35 -7.46 1.05
C PHE A 26 13.09 -8.74 0.68
N THR A 27 13.33 -9.61 1.66
CA THR A 27 14.04 -10.86 1.40
C THR A 27 13.15 -12.10 1.57
N LYS A 28 11.97 -11.92 2.15
CA LYS A 28 11.05 -13.04 2.36
C LYS A 28 10.75 -13.75 1.04
N TYR A 29 10.56 -12.97 -0.02
CA TYR A 29 10.27 -13.51 -1.35
C TYR A 29 11.40 -13.17 -2.31
N TRP A 30 12.65 -13.35 -1.85
CA TRP A 30 13.82 -13.03 -2.64
C TRP A 30 13.87 -13.68 -4.02
N GLU A 31 13.28 -14.86 -4.13
CA GLU A 31 13.28 -15.57 -5.42
C GLU A 31 12.70 -14.70 -6.54
N ASP A 32 11.79 -13.80 -6.18
CA ASP A 32 11.15 -12.91 -7.15
C ASP A 32 12.12 -11.87 -7.69
N VAL A 33 13.05 -11.46 -6.84
CA VAL A 33 14.05 -10.47 -7.24
C VAL A 33 15.15 -11.21 -8.02
N GLU A 34 15.62 -12.31 -7.45
CA GLU A 34 16.67 -13.11 -8.06
C GLU A 34 16.37 -13.54 -9.49
N MET A 35 15.16 -14.02 -9.70
CA MET A 35 14.75 -14.48 -11.03
C MET A 35 14.11 -13.39 -11.86
N PHE A 36 14.20 -12.14 -11.41
CA PHE A 36 13.61 -11.05 -12.17
C PHE A 36 14.12 -11.04 -13.60
N LEU A 37 13.22 -10.85 -14.55
CA LEU A 37 13.58 -10.83 -15.96
C LEU A 37 13.73 -9.41 -16.46
N ALA A 38 14.95 -9.04 -16.84
CA ALA A 38 15.20 -7.70 -17.34
C ALA A 38 14.97 -7.64 -18.84
N ARG A 39 14.81 -6.43 -19.36
CA ARG A 39 14.62 -6.22 -20.79
C ARG A 39 15.83 -5.40 -21.26
N PRO A 40 16.31 -5.66 -22.48
CA PRO A 40 17.47 -4.92 -23.00
C PRO A 40 17.44 -3.41 -22.73
N ASP A 41 16.28 -2.79 -22.92
CA ASP A 41 16.18 -1.35 -22.73
C ASP A 41 15.82 -0.84 -21.34
N ASP A 42 15.94 -1.69 -20.32
CA ASP A 42 15.65 -1.29 -18.94
C ASP A 42 16.78 -0.38 -18.46
N LEU A 43 16.46 0.67 -17.71
CA LEU A 43 17.50 1.54 -17.18
C LEU A 43 17.48 1.43 -15.67
N VAL A 44 18.58 0.97 -15.10
CA VAL A 44 18.66 0.81 -13.65
C VAL A 44 19.23 2.05 -12.98
N ILE A 45 18.52 2.55 -11.97
CA ILE A 45 18.97 3.70 -11.21
C ILE A 45 19.23 3.15 -9.82
N ALA A 46 20.52 2.99 -9.50
CA ALA A 46 20.93 2.43 -8.22
C ALA A 46 21.65 3.44 -7.32
N THR A 47 21.32 3.40 -6.03
CA THR A 47 21.90 4.30 -5.05
C THR A 47 21.91 3.64 -3.68
N TYR A 48 22.73 4.18 -2.78
CA TYR A 48 22.73 3.70 -1.43
C TYR A 48 21.63 4.59 -0.85
N PRO A 49 20.81 4.07 0.05
CA PRO A 49 19.74 4.92 0.59
C PRO A 49 20.13 6.34 0.99
N LYS A 50 19.27 7.30 0.65
CA LYS A 50 19.43 8.71 1.01
C LYS A 50 20.56 9.47 0.35
N SER A 51 20.91 9.09 -0.88
CA SER A 51 21.97 9.74 -1.62
C SER A 51 21.44 10.67 -2.72
N GLY A 52 20.12 10.82 -2.80
CA GLY A 52 19.52 11.68 -3.80
C GLY A 52 18.83 10.92 -4.93
N THR A 53 18.39 9.69 -4.65
CA THR A 53 17.70 8.86 -5.64
C THR A 53 16.49 9.55 -6.29
N THR A 54 15.69 10.22 -5.47
CA THR A 54 14.50 10.91 -5.96
C THR A 54 14.86 12.02 -6.95
N TRP A 55 15.93 12.75 -6.62
CA TRP A 55 16.42 13.84 -7.47
C TRP A 55 16.83 13.36 -8.87
N ILE A 56 17.76 12.42 -8.94
CA ILE A 56 18.22 11.92 -10.24
C ILE A 56 17.15 11.11 -10.96
N SER A 57 16.20 10.57 -10.21
CA SER A 57 15.12 9.79 -10.80
C SER A 57 14.23 10.74 -11.60
N GLU A 58 13.90 11.88 -11.00
CA GLU A 58 13.06 12.87 -11.65
C GLU A 58 13.75 13.48 -12.88
N VAL A 59 15.06 13.69 -12.77
CA VAL A 59 15.83 14.24 -13.87
C VAL A 59 15.78 13.26 -15.04
N VAL A 60 16.05 12.00 -14.76
CA VAL A 60 16.04 10.97 -15.79
C VAL A 60 14.65 10.81 -16.41
N TYR A 61 13.62 10.86 -15.57
CA TYR A 61 12.26 10.71 -16.05
C TYR A 61 11.95 11.87 -17.00
N MET A 62 12.34 13.08 -16.60
CA MET A 62 12.12 14.26 -17.42
C MET A 62 12.80 14.13 -18.78
N ILE A 63 13.99 13.52 -18.80
CA ILE A 63 14.71 13.33 -20.05
C ILE A 63 13.94 12.37 -20.95
N TYR A 64 13.40 11.32 -20.36
CA TYR A 64 12.63 10.32 -21.10
C TYR A 64 11.40 10.94 -21.74
N LYS A 65 10.78 11.89 -21.05
CA LYS A 65 9.58 12.55 -21.54
C LYS A 65 9.89 13.84 -22.29
N GLU A 66 11.17 14.05 -22.58
CA GLU A 66 11.62 15.25 -23.29
C GLU A 66 11.22 16.56 -22.61
N GLY A 67 11.33 16.61 -21.29
CA GLY A 67 10.96 17.82 -20.56
C GLY A 67 9.47 18.06 -20.49
N ASP A 75 1.42 11.42 -11.50
CA ASP A 75 1.55 10.11 -10.78
C ASP A 75 2.75 10.14 -9.83
N ALA A 76 2.63 9.44 -8.69
CA ALA A 76 3.72 9.40 -7.72
C ALA A 76 4.96 8.82 -8.39
N ILE A 77 6.13 9.34 -8.02
CA ILE A 77 7.38 8.85 -8.62
C ILE A 77 7.59 7.37 -8.35
N PHE A 78 7.13 6.88 -7.21
CA PHE A 78 7.30 5.47 -6.89
C PHE A 78 6.44 4.54 -7.76
N ASN A 79 5.58 5.13 -8.58
CA ASN A 79 4.72 4.39 -9.50
C ASN A 79 5.32 4.54 -10.90
N ARG A 80 5.83 5.73 -11.19
CA ARG A 80 6.46 6.03 -12.47
C ARG A 80 7.78 5.26 -12.60
N ILE A 81 8.49 5.15 -11.48
CA ILE A 81 9.77 4.43 -11.45
C ILE A 81 9.69 3.45 -10.29
N PRO A 82 9.24 2.22 -10.56
CA PRO A 82 9.10 1.18 -9.54
C PRO A 82 10.38 0.85 -8.76
N TYR A 83 10.22 0.74 -7.45
CA TYR A 83 11.30 0.42 -6.53
C TYR A 83 11.41 -1.12 -6.52
N LEU A 84 12.25 -1.61 -7.43
CA LEU A 84 12.49 -3.03 -7.64
C LEU A 84 12.23 -4.03 -6.50
N GLU A 85 13.09 -4.00 -5.48
CA GLU A 85 12.98 -4.93 -4.37
C GLU A 85 12.02 -4.55 -3.26
N CYS A 86 11.36 -3.40 -3.38
CA CYS A 86 10.42 -3.00 -2.35
C CYS A 86 9.25 -3.98 -2.37
N ARG A 87 8.90 -4.47 -1.20
CA ARG A 87 7.83 -5.44 -1.08
C ARG A 87 7.28 -5.45 0.33
N ASN A 88 5.96 -5.43 0.44
CA ASN A 88 5.29 -5.50 1.74
C ASN A 88 4.08 -6.41 1.55
N GLU A 89 4.37 -7.71 1.50
CA GLU A 89 3.35 -8.73 1.31
C GLU A 89 2.60 -8.47 0.02
N ASP A 90 1.26 -8.37 0.09
CA ASP A 90 0.46 -8.16 -1.12
C ASP A 90 0.02 -6.73 -1.34
N LEU A 91 0.36 -5.83 -0.41
CA LEU A 91 -0.02 -4.43 -0.57
C LEU A 91 0.96 -3.70 -1.48
N ILE A 92 2.26 -3.90 -1.23
CA ILE A 92 3.30 -3.25 -2.04
C ILE A 92 4.21 -4.29 -2.70
N ASN A 93 4.40 -4.16 -4.01
CA ASN A 93 5.23 -5.09 -4.75
C ASN A 93 5.86 -4.44 -5.99
N GLY A 94 7.11 -4.03 -5.88
CA GLY A 94 7.79 -3.40 -6.99
C GLY A 94 7.95 -4.28 -8.22
N ILE A 95 8.26 -5.55 -8.01
CA ILE A 95 8.45 -6.49 -9.11
C ILE A 95 7.15 -6.59 -9.92
N LYS A 96 6.03 -6.69 -9.21
CA LYS A 96 4.72 -6.78 -9.83
C LYS A 96 4.49 -5.54 -10.70
N GLN A 97 4.86 -4.39 -10.15
CA GLN A 97 4.75 -3.12 -10.86
C GLN A 97 5.57 -3.11 -12.14
N LEU A 98 6.80 -3.61 -12.04
CA LEU A 98 7.70 -3.64 -13.18
C LEU A 98 7.24 -4.61 -14.24
N LYS A 99 6.64 -5.71 -13.81
CA LYS A 99 6.14 -6.71 -14.76
C LYS A 99 5.00 -6.11 -15.58
N GLU A 100 4.27 -5.18 -15.00
CA GLU A 100 3.15 -4.55 -15.68
C GLU A 100 3.53 -3.20 -16.29
N LYS A 101 4.78 -2.79 -16.12
CA LYS A 101 5.26 -1.52 -16.66
C LYS A 101 5.68 -1.69 -18.11
N GLU A 102 5.21 -0.81 -18.98
CA GLU A 102 5.57 -0.89 -20.39
C GLU A 102 6.98 -0.34 -20.58
N SER A 103 7.68 -0.86 -21.57
CA SER A 103 9.04 -0.43 -21.86
C SER A 103 9.01 0.91 -22.57
N PRO A 104 10.07 1.72 -22.43
CA PRO A 104 11.27 1.41 -21.62
C PRO A 104 11.05 1.65 -20.12
N ARG A 105 11.38 0.63 -19.32
CA ARG A 105 11.21 0.72 -17.87
C ARG A 105 12.40 1.34 -17.17
N ILE A 106 12.11 2.18 -16.16
CA ILE A 106 13.14 2.80 -15.35
C ILE A 106 12.99 2.11 -14.00
N VAL A 107 14.06 1.45 -13.56
CA VAL A 107 14.07 0.69 -12.32
C VAL A 107 14.89 1.32 -11.21
N LYS A 108 14.28 1.52 -10.04
CA LYS A 108 14.99 2.07 -8.89
C LYS A 108 15.41 0.93 -7.98
N THR A 109 16.60 1.02 -7.40
CA THR A 109 17.11 -0.01 -6.49
C THR A 109 18.18 0.53 -5.56
N HIS A 110 18.36 -0.11 -4.41
CA HIS A 110 19.38 0.28 -3.45
C HIS A 110 20.29 -0.92 -3.23
N LEU A 111 20.14 -1.93 -4.07
CA LEU A 111 20.91 -3.16 -3.96
C LEU A 111 22.37 -3.06 -4.39
N PRO A 112 23.28 -3.73 -3.64
CA PRO A 112 24.70 -3.73 -3.99
C PRO A 112 24.77 -4.59 -5.25
N PRO A 113 25.83 -4.45 -6.05
CA PRO A 113 25.93 -5.25 -7.28
C PRO A 113 25.69 -6.75 -7.14
N LYS A 114 26.15 -7.32 -6.03
CA LYS A 114 26.01 -8.75 -5.81
C LYS A 114 24.58 -9.24 -5.59
N LEU A 115 23.68 -8.33 -5.21
CA LEU A 115 22.29 -8.72 -4.95
C LEU A 115 21.35 -8.29 -6.07
N LEU A 116 21.85 -7.49 -6.99
CA LEU A 116 21.05 -7.04 -8.12
C LEU A 116 20.69 -8.23 -9.01
N PRO A 117 19.44 -8.30 -9.49
CA PRO A 117 19.07 -9.43 -10.35
C PRO A 117 20.10 -9.63 -11.47
N ALA A 118 20.62 -10.85 -11.59
CA ALA A 118 21.64 -11.15 -12.59
C ALA A 118 21.21 -10.86 -14.02
N SER A 119 19.91 -10.88 -14.27
CA SER A 119 19.39 -10.62 -15.61
C SER A 119 19.78 -9.25 -16.15
N PHE A 120 19.91 -8.27 -15.27
CA PHE A 120 20.29 -6.91 -15.67
C PHE A 120 21.70 -6.91 -16.27
N TRP A 121 22.62 -7.60 -15.60
CA TRP A 121 23.99 -7.69 -16.08
C TRP A 121 23.97 -8.49 -17.36
N GLU A 122 23.26 -9.61 -17.33
CA GLU A 122 23.14 -10.51 -18.47
C GLU A 122 22.69 -9.75 -19.72
N LYS A 123 21.70 -8.89 -19.57
CA LYS A 123 21.19 -8.12 -20.70
C LYS A 123 22.00 -6.84 -20.93
N ASN A 124 23.06 -6.67 -20.14
CA ASN A 124 23.95 -5.51 -20.23
C ASN A 124 23.21 -4.17 -20.28
N CYS A 125 22.24 -4.02 -19.38
CA CYS A 125 21.44 -2.80 -19.30
C CYS A 125 22.22 -1.59 -18.83
N LYS A 126 21.85 -0.43 -19.36
CA LYS A 126 22.48 0.82 -18.97
C LYS A 126 22.09 1.02 -17.51
N MET A 127 22.98 1.60 -16.73
CA MET A 127 22.70 1.85 -15.32
C MET A 127 23.30 3.17 -14.89
N ILE A 128 22.67 3.78 -13.90
CA ILE A 128 23.17 5.04 -13.37
C ILE A 128 23.30 4.87 -11.85
N TYR A 129 24.52 4.98 -11.35
CA TYR A 129 24.75 4.87 -9.93
C TYR A 129 25.03 6.25 -9.37
N LEU A 130 24.36 6.59 -8.28
CA LEU A 130 24.57 7.88 -7.66
C LEU A 130 25.00 7.69 -6.21
N CYS A 131 26.02 8.45 -5.80
CA CYS A 131 26.50 8.39 -4.42
C CYS A 131 26.58 9.80 -3.83
N ARG A 132 26.77 9.86 -2.51
CA ARG A 132 26.84 11.12 -1.78
C ARG A 132 27.90 10.89 -0.70
N ASN A 133 28.50 11.96 -0.18
CA ASN A 133 29.53 11.76 0.82
C ASN A 133 28.92 11.09 2.05
N ALA A 134 29.61 10.04 2.52
CA ALA A 134 29.17 9.22 3.65
C ALA A 134 28.62 9.93 4.88
N LYS A 135 29.24 11.03 5.29
CA LYS A 135 28.79 11.73 6.49
C LYS A 135 27.41 12.36 6.28
N ASP A 136 27.15 12.85 5.07
CA ASP A 136 25.87 13.46 4.78
C ASP A 136 24.81 12.40 4.53
N VAL A 137 25.24 11.23 4.09
CA VAL A 137 24.35 10.11 3.84
C VAL A 137 23.85 9.63 5.20
N ALA A 138 24.78 9.47 6.14
CA ALA A 138 24.47 9.01 7.49
C ALA A 138 23.43 9.90 8.16
N VAL A 139 23.55 11.21 7.96
CA VAL A 139 22.61 12.16 8.54
C VAL A 139 21.21 11.98 7.94
N SER A 140 21.15 11.93 6.61
CA SER A 140 19.88 11.76 5.89
C SER A 140 19.27 10.40 6.18
N TYR A 141 20.13 9.40 6.34
CA TYR A 141 19.72 8.04 6.61
C TYR A 141 19.12 7.94 8.01
N TYR A 142 19.71 8.69 8.94
CA TYR A 142 19.26 8.72 10.32
C TYR A 142 17.82 9.18 10.43
N TYR A 143 17.49 10.22 9.69
CA TYR A 143 16.15 10.78 9.69
C TYR A 143 15.18 9.86 8.97
N PHE A 144 15.70 9.15 7.96
CA PHE A 144 14.91 8.22 7.20
C PHE A 144 14.40 7.13 8.14
N LEU A 145 15.29 6.66 9.02
CA LEU A 145 14.92 5.64 9.98
C LEU A 145 13.85 6.16 10.92
N LEU A 146 13.95 7.44 11.30
CA LEU A 146 12.98 8.05 12.19
C LEU A 146 11.62 8.13 11.51
N MET A 147 11.62 8.58 10.26
CA MET A 147 10.38 8.74 9.50
C MET A 147 9.65 7.44 9.17
N ILE A 148 10.39 6.36 8.95
CA ILE A 148 9.75 5.08 8.66
C ILE A 148 9.16 4.49 9.94
N THR A 149 7.84 4.56 10.07
CA THR A 149 7.15 4.07 11.25
C THR A 149 7.53 2.67 11.73
N SER A 150 7.70 1.73 10.80
CA SER A 150 8.06 0.37 11.18
C SER A 150 9.55 0.11 11.45
N TYR A 151 10.37 1.15 11.37
CA TYR A 151 11.80 1.00 11.64
C TYR A 151 12.10 1.58 13.01
N PRO A 152 12.69 0.77 13.92
CA PRO A 152 13.00 1.27 15.26
C PRO A 152 13.92 2.50 15.22
N ASN A 153 13.50 3.57 15.89
CA ASN A 153 14.27 4.80 15.94
C ASN A 153 15.58 4.64 16.71
N PRO A 154 16.70 5.08 16.12
CA PRO A 154 17.99 4.96 16.82
C PRO A 154 17.92 5.69 18.16
N LYS A 155 18.62 5.16 19.17
CA LYS A 155 18.64 5.76 20.50
C LYS A 155 19.24 7.16 20.46
N SER A 156 20.07 7.40 19.46
CA SER A 156 20.72 8.68 19.27
C SER A 156 21.46 8.62 17.95
N PHE A 157 21.86 9.79 17.44
CA PHE A 157 22.59 9.84 16.18
C PHE A 157 23.87 9.02 16.28
N SER A 158 24.59 9.18 17.39
CA SER A 158 25.84 8.45 17.59
C SER A 158 25.65 6.94 17.50
N GLU A 159 24.64 6.44 18.20
CA GLU A 159 24.34 5.01 18.19
C GLU A 159 24.11 4.55 16.76
N PHE A 160 23.41 5.38 16.00
CA PHE A 160 23.13 5.08 14.61
C PHE A 160 24.42 5.07 13.78
N VAL A 161 25.29 6.06 13.99
CA VAL A 161 26.54 6.13 13.25
C VAL A 161 27.43 4.91 13.51
N GLU A 162 27.41 4.42 14.74
CA GLU A 162 28.20 3.23 15.06
C GLU A 162 27.72 2.08 14.17
N LYS A 163 26.40 1.97 14.02
CA LYS A 163 25.81 0.92 13.19
C LYS A 163 26.16 1.17 11.73
N PHE A 164 26.12 2.43 11.32
CA PHE A 164 26.43 2.79 9.93
C PHE A 164 27.84 2.38 9.55
N MET A 165 28.79 2.62 10.45
CA MET A 165 30.19 2.26 10.20
C MET A 165 30.35 0.75 10.10
N GLN A 166 29.52 0.02 10.85
CA GLN A 166 29.57 -1.43 10.84
C GLN A 166 28.77 -2.03 9.68
N GLY A 167 28.10 -1.18 8.91
CA GLY A 167 27.30 -1.69 7.82
C GLY A 167 26.10 -2.44 8.39
N GLN A 168 25.74 -2.12 9.62
CA GLN A 168 24.61 -2.76 10.28
C GLN A 168 23.35 -1.95 10.15
N VAL A 169 23.08 -1.53 8.91
CA VAL A 169 21.88 -0.76 8.61
C VAL A 169 21.31 -1.36 7.34
N PRO A 170 20.00 -1.15 7.07
CA PRO A 170 19.40 -1.71 5.86
C PRO A 170 20.26 -1.44 4.61
N TYR A 171 20.52 -2.50 3.86
CA TYR A 171 21.33 -2.45 2.64
C TYR A 171 22.84 -2.50 2.90
N GLY A 172 23.19 -2.73 4.17
CA GLY A 172 24.59 -2.88 4.56
C GLY A 172 25.58 -1.74 4.51
N SER A 173 26.83 -2.11 4.36
CA SER A 173 27.96 -1.18 4.32
C SER A 173 27.95 -0.23 3.13
N TRP A 174 27.92 1.07 3.44
CA TRP A 174 27.95 2.11 2.42
C TRP A 174 29.27 1.97 1.66
N TYR A 175 30.32 1.66 2.40
CA TYR A 175 31.67 1.50 1.84
C TYR A 175 31.73 0.40 0.80
N ASP A 176 31.23 -0.79 1.15
CA ASP A 176 31.21 -1.91 0.21
C ASP A 176 30.32 -1.58 -0.97
N HIS A 177 29.22 -0.90 -0.67
CA HIS A 177 28.25 -0.50 -1.69
C HIS A 177 28.90 0.36 -2.77
N VAL A 178 29.51 1.47 -2.35
CA VAL A 178 30.17 2.40 -3.28
C VAL A 178 31.32 1.76 -4.04
N LYS A 179 32.19 1.04 -3.32
CA LYS A 179 33.33 0.39 -3.95
C LYS A 179 32.95 -0.60 -5.04
N ALA A 180 32.01 -1.48 -4.72
CA ALA A 180 31.56 -2.49 -5.68
C ALA A 180 30.96 -1.85 -6.93
N TRP A 181 30.11 -0.83 -6.74
CA TRP A 181 29.46 -0.15 -7.85
C TRP A 181 30.47 0.69 -8.64
N TRP A 182 31.47 1.22 -7.93
CA TRP A 182 32.51 2.01 -8.58
C TRP A 182 33.24 1.08 -9.55
N GLU A 183 33.58 -0.11 -9.09
CA GLU A 183 34.27 -1.05 -9.94
C GLU A 183 33.38 -1.38 -11.14
N LYS A 184 32.08 -1.54 -10.90
CA LYS A 184 31.13 -1.86 -11.98
C LYS A 184 31.06 -0.74 -12.99
N SER A 185 31.32 0.48 -12.53
CA SER A 185 31.26 1.65 -13.41
C SER A 185 32.34 1.67 -14.48
N LYS A 186 33.25 0.69 -14.44
CA LYS A 186 34.30 0.59 -15.45
C LYS A 186 33.57 0.49 -16.78
N ASN A 187 32.42 -0.18 -16.75
CA ASN A 187 31.57 -0.36 -17.93
C ASN A 187 31.07 1.00 -18.40
N SER A 188 31.16 1.25 -19.70
CA SER A 188 30.72 2.52 -20.26
C SER A 188 29.20 2.67 -20.14
N ARG A 189 28.53 1.56 -19.86
CA ARG A 189 27.07 1.57 -19.76
C ARG A 189 26.58 1.75 -18.32
N VAL A 190 27.53 1.97 -17.41
CA VAL A 190 27.22 2.18 -16.01
C VAL A 190 27.79 3.55 -15.63
N LEU A 191 26.93 4.56 -15.60
CA LEU A 191 27.31 5.93 -15.27
C LEU A 191 27.42 6.14 -13.76
N PHE A 192 28.57 6.64 -13.31
CA PHE A 192 28.79 6.92 -11.89
C PHE A 192 28.70 8.42 -11.63
N MET A 193 27.80 8.82 -10.73
CA MET A 193 27.60 10.23 -10.45
C MET A 193 27.61 10.59 -8.97
N PHE A 194 27.75 11.89 -8.68
CA PHE A 194 27.82 12.38 -7.32
C PHE A 194 26.76 13.42 -7.00
N TYR A 195 26.13 13.27 -5.84
CA TYR A 195 25.10 14.19 -5.36
C TYR A 195 25.67 15.62 -5.33
N GLU A 196 26.87 15.75 -4.79
CA GLU A 196 27.54 17.04 -4.66
C GLU A 196 27.84 17.69 -6.02
N ASP A 197 27.96 16.87 -7.06
CA ASP A 197 28.22 17.40 -8.40
C ASP A 197 26.93 17.98 -8.98
N MET A 198 25.80 17.38 -8.63
CA MET A 198 24.51 17.86 -9.10
C MET A 198 24.19 19.15 -8.35
N LYS A 199 24.71 19.24 -7.13
CA LYS A 199 24.51 20.42 -6.30
C LYS A 199 25.35 21.60 -6.80
N GLU A 200 26.64 21.34 -7.03
CA GLU A 200 27.57 22.38 -7.47
C GLU A 200 27.62 22.68 -8.96
N ASP A 201 27.03 21.83 -9.78
CA ASP A 201 27.07 22.04 -11.21
C ASP A 201 26.02 21.21 -11.92
N ILE A 202 24.77 21.54 -11.67
CA ILE A 202 23.66 20.80 -12.26
C ILE A 202 23.60 20.78 -13.79
N ARG A 203 23.80 21.93 -14.43
CA ARG A 203 23.75 22.00 -15.89
C ARG A 203 24.66 20.98 -16.54
N ARG A 204 25.89 20.84 -16.04
CA ARG A 204 26.83 19.87 -16.60
C ARG A 204 26.33 18.44 -16.40
N GLU A 205 25.95 18.13 -15.16
CA GLU A 205 25.44 16.80 -14.81
C GLU A 205 24.19 16.43 -15.63
N VAL A 206 23.35 17.43 -15.89
CA VAL A 206 22.13 17.20 -16.66
C VAL A 206 22.51 16.89 -18.11
N VAL A 207 23.39 17.70 -18.68
CA VAL A 207 23.82 17.49 -20.06
C VAL A 207 24.47 16.12 -20.16
N LYS A 208 25.23 15.76 -19.12
CA LYS A 208 25.90 14.46 -19.09
C LYS A 208 24.88 13.33 -19.15
N LEU A 209 23.83 13.44 -18.33
CA LEU A 209 22.79 12.43 -18.29
C LEU A 209 22.05 12.36 -19.63
N ILE A 210 21.66 13.51 -20.17
CA ILE A 210 20.95 13.56 -21.44
C ILE A 210 21.73 12.83 -22.53
N GLU A 211 23.05 12.97 -22.50
CA GLU A 211 23.90 12.32 -23.50
C GLU A 211 24.07 10.84 -23.22
N PHE A 212 24.19 10.48 -21.95
CA PHE A 212 24.35 9.08 -21.58
C PHE A 212 23.11 8.33 -22.05
N LEU A 213 21.97 9.00 -21.99
CA LEU A 213 20.70 8.39 -22.39
C LEU A 213 20.43 8.59 -23.88
N GLU A 214 21.46 9.00 -24.60
CA GLU A 214 21.40 9.20 -26.04
C GLU A 214 20.31 10.16 -26.54
N ARG A 215 20.24 11.34 -25.95
CA ARG A 215 19.28 12.34 -26.36
C ARG A 215 20.04 13.63 -26.65
N LYS A 216 19.39 14.59 -27.31
CA LYS A 216 20.05 15.86 -27.63
C LYS A 216 19.85 16.86 -26.50
N PRO A 217 20.96 17.42 -25.97
CA PRO A 217 20.88 18.40 -24.88
C PRO A 217 20.59 19.84 -25.29
N SER A 218 19.37 20.13 -25.71
CA SER A 218 19.01 21.49 -26.09
C SER A 218 19.06 22.37 -24.84
N ALA A 219 19.25 23.66 -25.04
CA ALA A 219 19.32 24.59 -23.91
C ALA A 219 17.93 24.71 -23.25
N GLU A 220 16.89 24.51 -24.05
CA GLU A 220 15.52 24.59 -23.55
C GLU A 220 15.25 23.43 -22.61
N LEU A 221 15.56 22.22 -23.10
CA LEU A 221 15.37 21.01 -22.31
C LEU A 221 16.16 21.08 -21.01
N VAL A 222 17.45 21.38 -21.12
CA VAL A 222 18.30 21.47 -19.93
C VAL A 222 17.75 22.49 -18.95
N ASP A 223 17.24 23.60 -19.47
CA ASP A 223 16.68 24.64 -18.61
C ASP A 223 15.44 24.14 -17.89
N ARG A 224 14.61 23.39 -18.63
CA ARG A 224 13.38 22.84 -18.06
C ARG A 224 13.71 21.95 -16.88
N ILE A 225 14.62 21.01 -17.11
CA ILE A 225 15.03 20.07 -16.08
C ILE A 225 15.58 20.78 -14.85
N ILE A 226 16.50 21.70 -15.06
CA ILE A 226 17.10 22.44 -13.95
C ILE A 226 16.06 23.18 -13.11
N GLN A 227 15.05 23.73 -13.77
CA GLN A 227 14.01 24.47 -13.08
C GLN A 227 13.05 23.55 -12.34
N HIS A 228 12.75 22.41 -12.96
CA HIS A 228 11.84 21.44 -12.38
C HIS A 228 12.42 20.54 -11.29
N THR A 229 13.72 20.26 -11.35
CA THR A 229 14.35 19.39 -10.37
C THR A 229 15.11 20.07 -9.24
N SER A 230 14.80 21.34 -9.00
CA SER A 230 15.47 22.06 -7.92
C SER A 230 14.88 21.53 -6.62
N PHE A 231 15.57 21.75 -5.51
CA PHE A 231 15.08 21.27 -4.22
C PHE A 231 13.77 21.94 -3.83
N GLN A 232 13.68 23.25 -4.05
CA GLN A 232 12.47 23.99 -3.69
C GLN A 232 11.26 23.57 -4.52
N GLU A 233 11.52 23.07 -5.72
CA GLU A 233 10.46 22.63 -6.61
C GLU A 233 9.94 21.25 -6.22
N MET A 234 10.87 20.29 -6.08
CA MET A 234 10.52 18.93 -5.73
C MET A 234 9.95 18.81 -4.32
N LYS A 235 10.25 19.79 -3.48
CA LYS A 235 9.75 19.78 -2.12
C LYS A 235 8.26 20.14 -2.14
N ASN A 236 7.84 20.85 -3.17
CA ASN A 236 6.43 21.25 -3.29
C ASN A 236 5.68 20.44 -4.34
N ASN A 237 6.36 19.49 -4.94
CA ASN A 237 5.77 18.62 -5.95
C ASN A 237 5.29 17.37 -5.19
N PRO A 238 3.96 17.17 -5.12
CA PRO A 238 3.38 16.02 -4.41
C PRO A 238 3.78 14.68 -5.01
N SER A 239 4.17 14.71 -6.28
CA SER A 239 4.58 13.50 -6.99
C SER A 239 5.97 13.04 -6.53
N THR A 240 6.79 13.98 -6.08
CA THR A 240 8.14 13.67 -5.64
C THR A 240 8.45 13.84 -4.14
N ASN A 241 7.64 14.60 -3.41
CA ASN A 241 7.93 14.79 -1.99
C ASN A 241 7.38 13.68 -1.10
N TYR A 242 6.90 12.62 -1.72
CA TYR A 242 6.35 11.45 -1.02
C TYR A 242 5.17 11.69 -0.11
N THR A 243 4.38 12.71 -0.40
CA THR A 243 3.18 13.01 0.39
C THR A 243 2.04 12.16 -0.19
N MET A 244 2.34 11.47 -1.29
CA MET A 244 1.37 10.58 -1.94
C MET A 244 1.50 9.21 -1.30
N MET A 245 2.33 9.14 -0.28
CA MET A 245 2.59 7.91 0.46
C MET A 245 2.04 8.01 1.89
N PRO A 246 1.10 7.13 2.25
CA PRO A 246 0.45 7.05 3.57
C PRO A 246 1.33 7.35 4.77
N GLU A 247 0.85 8.23 5.63
CA GLU A 247 1.55 8.63 6.84
C GLU A 247 1.79 7.44 7.78
N GLU A 248 0.96 6.41 7.66
CA GLU A 248 1.11 5.24 8.50
C GLU A 248 2.40 4.51 8.17
N MET A 249 2.93 4.77 6.97
CA MET A 249 4.16 4.16 6.51
C MET A 249 5.32 5.14 6.66
N MET A 250 5.19 6.30 6.01
CA MET A 250 6.20 7.36 6.05
C MET A 250 5.64 8.55 6.80
N ASN A 251 6.01 8.69 8.06
CA ASN A 251 5.52 9.81 8.85
C ASN A 251 6.38 11.05 8.67
N GLN A 252 6.03 11.87 7.67
CA GLN A 252 6.78 13.09 7.39
C GLN A 252 6.59 14.17 8.45
N LYS A 253 5.81 13.85 9.48
CA LYS A 253 5.59 14.80 10.56
C LYS A 253 6.83 14.68 11.46
N VAL A 254 7.40 13.49 11.49
CA VAL A 254 8.61 13.21 12.26
C VAL A 254 9.78 13.93 11.57
N SER A 255 9.85 13.77 10.25
CA SER A 255 10.87 14.39 9.42
C SER A 255 10.39 14.37 7.97
N PRO A 256 10.46 15.53 7.28
CA PRO A 256 10.00 15.52 5.89
C PRO A 256 10.99 14.81 4.99
N PHE A 257 10.51 14.33 3.85
CA PHE A 257 11.38 13.63 2.91
C PHE A 257 12.36 14.65 2.33
N MET A 258 11.81 15.71 1.76
CA MET A 258 12.63 16.79 1.21
C MET A 258 13.01 17.60 2.46
N ARG A 259 13.98 17.08 3.19
CA ARG A 259 14.45 17.66 4.43
C ARG A 259 15.21 18.98 4.30
N LYS A 260 16.45 18.91 3.83
CA LYS A 260 17.29 20.10 3.66
C LYS A 260 17.84 20.21 2.24
N GLY A 261 18.30 19.10 1.69
CA GLY A 261 18.83 19.12 0.34
C GLY A 261 20.11 19.91 0.19
N ILE A 262 20.96 19.89 1.21
CA ILE A 262 22.22 20.63 1.17
C ILE A 262 23.43 19.71 1.35
N ILE A 263 24.61 20.31 1.27
CA ILE A 263 25.85 19.58 1.45
C ILE A 263 26.40 20.04 2.80
N GLY A 264 26.98 19.14 3.56
CA GLY A 264 27.56 19.52 4.85
C GLY A 264 26.66 19.53 6.07
N ASP A 265 25.44 18.97 5.98
CA ASP A 265 24.57 18.95 7.16
C ASP A 265 25.19 18.11 8.27
N TRP A 266 26.20 17.32 7.94
CA TRP A 266 26.86 16.49 8.96
C TRP A 266 27.46 17.36 10.07
N LYS A 267 27.83 18.59 9.72
CA LYS A 267 28.42 19.52 10.69
C LYS A 267 27.46 19.87 11.82
N ASN A 268 26.16 19.65 11.59
CA ASN A 268 25.15 19.92 12.59
C ASN A 268 24.73 18.67 13.35
N HIS A 269 25.45 17.57 13.14
CA HIS A 269 25.09 16.31 13.79
C HIS A 269 26.25 15.52 14.40
N PHE A 270 27.38 15.47 13.70
CA PHE A 270 28.55 14.73 14.17
C PHE A 270 29.37 15.48 15.23
N PRO A 271 29.36 15.00 16.49
CA PRO A 271 30.17 15.75 17.45
C PRO A 271 31.63 15.60 16.97
N GLU A 272 32.53 16.45 17.48
CA GLU A 272 33.93 16.40 17.08
C GLU A 272 34.53 14.99 17.15
N ALA A 273 34.36 14.37 18.31
CA ALA A 273 34.89 13.03 18.55
C ALA A 273 34.42 12.05 17.50
N LEU A 274 33.10 11.97 17.31
CA LEU A 274 32.53 11.04 16.34
C LEU A 274 33.04 11.27 14.91
N ARG A 275 33.11 12.54 14.51
CA ARG A 275 33.58 12.87 13.18
C ARG A 275 34.99 12.35 12.94
N GLU A 276 35.88 12.58 13.90
CA GLU A 276 37.25 12.13 13.78
C GLU A 276 37.32 10.61 13.71
N ARG A 277 36.47 9.95 14.48
CA ARG A 277 36.41 8.48 14.49
C ARG A 277 35.83 7.97 13.17
N PHE A 278 34.79 8.64 12.70
CA PHE A 278 34.13 8.26 11.47
C PHE A 278 35.09 8.43 10.29
N ASP A 279 35.71 9.60 10.22
CA ASP A 279 36.64 9.90 9.14
C ASP A 279 37.85 8.97 9.12
N GLU A 280 38.33 8.60 10.30
CA GLU A 280 39.47 7.71 10.39
C GLU A 280 39.06 6.35 9.80
N HIS A 281 37.88 5.89 10.21
CA HIS A 281 37.34 4.63 9.74
C HIS A 281 37.15 4.68 8.23
N TYR A 282 36.62 5.81 7.75
CA TYR A 282 36.39 6.01 6.34
C TYR A 282 37.68 5.79 5.55
N LYS A 283 38.76 6.41 6.01
CA LYS A 283 40.06 6.30 5.34
C LYS A 283 40.54 4.85 5.20
N GLN A 284 40.36 4.06 6.26
CA GLN A 284 40.78 2.66 6.22
C GLN A 284 39.86 1.83 5.33
N GLN A 285 38.59 2.22 5.27
CA GLN A 285 37.62 1.52 4.44
C GLN A 285 37.80 1.84 2.96
N MET A 286 38.11 3.11 2.68
CA MET A 286 38.26 3.59 1.30
C MET A 286 39.69 3.82 0.81
N LYS A 287 40.68 3.42 1.62
CA LYS A 287 42.10 3.59 1.30
C LYS A 287 42.48 3.45 -0.18
N ASP A 288 42.12 2.33 -0.79
CA ASP A 288 42.47 2.10 -2.18
C ASP A 288 41.39 2.36 -3.22
N CYS A 289 40.40 3.18 -2.87
CA CYS A 289 39.33 3.48 -3.81
C CYS A 289 39.61 4.77 -4.58
N THR A 290 39.68 4.67 -5.90
CA THR A 290 39.97 5.82 -6.73
C THR A 290 38.78 6.76 -7.00
N VAL A 291 37.65 6.53 -6.33
CA VAL A 291 36.46 7.35 -6.55
C VAL A 291 36.78 8.80 -6.24
N LYS A 292 36.37 9.71 -7.12
CA LYS A 292 36.64 11.12 -6.89
C LYS A 292 35.45 11.89 -6.31
N PHE A 293 35.37 11.95 -4.99
CA PHE A 293 34.30 12.68 -4.32
C PHE A 293 34.67 14.16 -4.39
N ARG A 294 33.67 15.02 -4.55
CA ARG A 294 33.93 16.45 -4.63
C ARG A 294 34.43 17.01 -3.31
N MET A 295 35.45 17.86 -3.37
CA MET A 295 35.99 18.48 -2.17
C MET A 295 34.94 19.45 -1.66
N GLU A 296 34.74 19.46 -0.35
CA GLU A 296 33.76 20.37 0.21
C GLU A 296 34.33 20.83 1.54
N GLU B 9 -8.01 12.80 15.00
CA GLU B 9 -9.36 13.28 15.42
C GLU B 9 -10.46 12.59 14.62
N TYR B 10 -11.56 12.25 15.27
CA TYR B 10 -12.64 11.55 14.59
C TYR B 10 -13.15 12.27 13.33
N TYR B 11 -13.57 13.52 13.50
CA TYR B 11 -14.11 14.26 12.37
C TYR B 11 -13.06 14.94 11.48
N GLU B 12 -11.79 14.63 11.74
CA GLU B 12 -10.72 15.14 10.92
C GLU B 12 -10.53 14.02 9.90
N VAL B 13 -10.71 12.79 10.37
CA VAL B 13 -10.59 11.60 9.54
C VAL B 13 -11.87 11.37 8.73
N PHE B 14 -13.02 11.58 9.37
CA PHE B 14 -14.31 11.36 8.72
C PHE B 14 -15.09 12.63 8.47
N GLY B 15 -15.73 12.71 7.31
CA GLY B 15 -16.52 13.87 6.97
C GLY B 15 -17.81 13.49 6.28
N GLU B 16 -18.89 14.23 6.54
CA GLU B 16 -20.16 13.89 5.90
C GLU B 16 -20.11 14.19 4.41
N PHE B 17 -20.39 13.19 3.60
CA PHE B 17 -20.37 13.32 2.15
C PHE B 17 -21.72 12.92 1.55
N ARG B 18 -22.46 13.91 1.09
CA ARG B 18 -23.76 13.63 0.50
C ARG B 18 -24.64 12.85 1.50
N GLY B 19 -24.65 13.33 2.73
CA GLY B 19 -25.43 12.70 3.78
C GLY B 19 -24.86 11.43 4.39
N VAL B 20 -23.67 11.02 3.94
CA VAL B 20 -23.04 9.81 4.46
C VAL B 20 -21.65 10.07 5.03
N LEU B 21 -21.45 9.81 6.32
CA LEU B 21 -20.15 10.02 6.92
C LEU B 21 -19.18 9.08 6.21
N MET B 22 -18.09 9.63 5.69
CA MET B 22 -17.13 8.83 4.95
C MET B 22 -15.69 9.14 5.32
N ASP B 23 -14.80 8.21 4.97
CA ASP B 23 -13.36 8.36 5.19
C ASP B 23 -13.01 9.40 4.12
N LYS B 24 -12.51 10.55 4.55
CA LYS B 24 -12.18 11.62 3.61
C LYS B 24 -11.24 11.19 2.48
N ARG B 25 -10.49 10.11 2.70
CA ARG B 25 -9.58 9.61 1.68
C ARG B 25 -10.34 8.95 0.53
N PHE B 26 -11.55 8.47 0.82
CA PHE B 26 -12.37 7.80 -0.19
C PHE B 26 -13.25 8.77 -0.97
N THR B 27 -13.32 10.01 -0.50
CA THR B 27 -14.14 11.02 -1.17
C THR B 27 -13.31 12.14 -1.81
N LYS B 28 -12.02 12.20 -1.48
CA LYS B 28 -11.15 13.22 -2.04
C LYS B 28 -11.18 13.20 -3.57
N TYR B 29 -11.18 12.00 -4.14
CA TYR B 29 -11.21 11.83 -5.58
C TYR B 29 -12.51 11.12 -5.98
N TRP B 30 -13.62 11.57 -5.41
CA TRP B 30 -14.93 10.98 -5.69
C TRP B 30 -15.29 10.90 -7.16
N GLU B 31 -14.82 11.84 -7.95
CA GLU B 31 -15.12 11.85 -9.38
C GLU B 31 -14.75 10.54 -10.05
N ASP B 32 -13.74 9.85 -9.50
CA ASP B 32 -13.28 8.57 -10.06
C ASP B 32 -14.29 7.47 -9.81
N VAL B 33 -15.00 7.54 -8.68
CA VAL B 33 -16.00 6.54 -8.33
C VAL B 33 -17.28 6.87 -9.11
N GLU B 34 -17.68 8.14 -9.03
CA GLU B 34 -18.88 8.61 -9.71
C GLU B 34 -18.92 8.28 -11.19
N MET B 35 -17.84 8.61 -11.89
CA MET B 35 -17.78 8.35 -13.32
C MET B 35 -17.24 6.97 -13.63
N PHE B 36 -17.13 6.12 -12.63
CA PHE B 36 -16.62 4.78 -12.87
C PHE B 36 -17.43 4.13 -13.98
N LEU B 37 -16.74 3.47 -14.91
CA LEU B 37 -17.39 2.81 -16.03
C LEU B 37 -17.56 1.33 -15.78
N ALA B 38 -18.81 0.88 -15.67
CA ALA B 38 -19.08 -0.52 -15.42
C ALA B 38 -19.17 -1.28 -16.73
N ARG B 39 -19.05 -2.59 -16.64
CA ARG B 39 -19.15 -3.48 -17.80
C ARG B 39 -20.39 -4.35 -17.56
N PRO B 40 -21.13 -4.68 -18.63
CA PRO B 40 -22.32 -5.52 -18.47
C PRO B 40 -22.15 -6.71 -17.53
N ASP B 41 -21.03 -7.41 -17.65
CA ASP B 41 -20.81 -8.59 -16.83
C ASP B 41 -20.13 -8.41 -15.48
N ASP B 42 -20.09 -7.17 -14.99
CA ASP B 42 -19.49 -6.90 -13.68
C ASP B 42 -20.42 -7.42 -12.60
N LEU B 43 -19.88 -8.01 -11.54
CA LEU B 43 -20.75 -8.46 -10.45
C LEU B 43 -20.40 -7.64 -9.22
N VAL B 44 -21.39 -6.91 -8.70
CA VAL B 44 -21.16 -6.10 -7.53
C VAL B 44 -21.53 -6.84 -6.25
N ILE B 45 -20.59 -6.85 -5.30
CA ILE B 45 -20.79 -7.48 -4.00
C ILE B 45 -20.80 -6.33 -3.01
N ALA B 46 -21.99 -5.97 -2.55
CA ALA B 46 -22.16 -4.85 -1.62
C ALA B 46 -22.59 -5.27 -0.21
N THR B 47 -22.00 -4.64 0.79
CA THR B 47 -22.30 -4.95 2.17
C THR B 47 -22.07 -3.74 3.05
N TYR B 48 -22.65 -3.75 4.24
CA TYR B 48 -22.40 -2.69 5.19
C TYR B 48 -21.16 -3.27 5.83
N PRO B 49 -20.19 -2.43 6.21
CA PRO B 49 -18.98 -2.98 6.84
C PRO B 49 -19.19 -4.01 7.95
N LYS B 50 -18.37 -5.06 7.91
CA LYS B 50 -18.36 -6.13 8.91
C LYS B 50 -19.57 -7.06 8.95
N SER B 51 -20.18 -7.29 7.79
CA SER B 51 -21.35 -8.16 7.68
C SER B 51 -21.01 -9.52 7.07
N GLY B 52 -19.72 -9.74 6.79
CA GLY B 52 -19.30 -11.01 6.20
C GLY B 52 -18.90 -10.89 4.74
N THR B 53 -18.49 -9.70 4.31
CA THR B 53 -18.08 -9.47 2.92
C THR B 53 -17.01 -10.44 2.44
N THR B 54 -16.02 -10.69 3.28
CA THR B 54 -14.92 -11.59 2.93
C THR B 54 -15.42 -13.01 2.68
N TRP B 55 -16.35 -13.44 3.53
CA TRP B 55 -16.94 -14.77 3.41
C TRP B 55 -17.65 -14.99 2.08
N ILE B 56 -18.63 -14.14 1.77
CA ILE B 56 -19.38 -14.29 0.52
C ILE B 56 -18.55 -13.97 -0.71
N SER B 57 -17.49 -13.19 -0.52
CA SER B 57 -16.61 -12.84 -1.62
C SER B 57 -15.86 -14.09 -2.05
N GLU B 58 -15.36 -14.82 -1.07
CA GLU B 58 -14.60 -16.05 -1.34
C GLU B 58 -15.50 -17.11 -1.97
N VAL B 59 -16.74 -17.19 -1.50
CA VAL B 59 -17.69 -18.16 -2.02
C VAL B 59 -17.94 -17.86 -3.50
N VAL B 60 -18.23 -16.60 -3.78
CA VAL B 60 -18.48 -16.19 -5.15
C VAL B 60 -17.28 -16.39 -6.05
N TYR B 61 -16.09 -16.10 -5.52
CA TYR B 61 -14.87 -16.26 -6.31
C TYR B 61 -14.69 -17.73 -6.64
N MET B 62 -14.94 -18.58 -5.65
CA MET B 62 -14.82 -20.03 -5.84
C MET B 62 -15.78 -20.51 -6.93
N ILE B 63 -16.98 -19.94 -6.97
CA ILE B 63 -17.96 -20.33 -7.97
C ILE B 63 -17.47 -19.95 -9.36
N TYR B 64 -16.86 -18.77 -9.46
CA TYR B 64 -16.33 -18.27 -10.72
C TYR B 64 -15.20 -19.17 -11.24
N LYS B 65 -14.37 -19.64 -10.31
CA LYS B 65 -13.24 -20.49 -10.65
C LYS B 65 -13.58 -21.97 -10.71
N GLU B 66 -14.88 -22.29 -10.60
CA GLU B 66 -15.34 -23.67 -10.65
C GLU B 66 -14.72 -24.55 -9.58
N LYS B 73 0.28 -19.95 -2.42
CA LYS B 73 0.41 -18.49 -2.56
C LYS B 73 -0.61 -17.91 -3.48
N GLU B 74 -1.77 -17.68 -2.98
CA GLU B 74 -2.77 -17.08 -3.81
C GLU B 74 -3.00 -15.65 -3.38
N ASP B 75 -2.93 -14.86 -4.42
CA ASP B 75 -3.11 -13.43 -4.35
C ASP B 75 -4.16 -13.08 -3.32
N ALA B 76 -3.88 -12.03 -2.56
CA ALA B 76 -4.77 -11.53 -1.51
C ALA B 76 -6.17 -11.29 -2.08
N ILE B 77 -7.19 -11.52 -1.26
CA ILE B 77 -8.56 -11.33 -1.73
C ILE B 77 -8.82 -9.88 -2.16
N PHE B 78 -8.14 -8.93 -1.53
CA PHE B 78 -8.34 -7.53 -1.89
C PHE B 78 -7.75 -7.18 -3.26
N ASN B 79 -7.05 -8.14 -3.86
CA ASN B 79 -6.46 -7.95 -5.18
C ASN B 79 -7.32 -8.72 -6.15
N ARG B 80 -7.79 -9.89 -5.71
CA ARG B 80 -8.66 -10.73 -6.53
C ARG B 80 -10.02 -10.07 -6.75
N ILE B 81 -10.49 -9.40 -5.70
CA ILE B 81 -11.78 -8.70 -5.73
C ILE B 81 -11.51 -7.29 -5.22
N PRO B 82 -11.20 -6.35 -6.14
CA PRO B 82 -10.91 -4.96 -5.79
C PRO B 82 -12.02 -4.25 -5.01
N TYR B 83 -11.61 -3.51 -3.99
CA TYR B 83 -12.49 -2.74 -3.12
C TYR B 83 -12.68 -1.40 -3.82
N LEU B 84 -13.72 -1.35 -4.66
CA LEU B 84 -14.10 -0.19 -5.46
C LEU B 84 -13.67 1.21 -5.02
N GLU B 85 -14.28 1.71 -3.95
CA GLU B 85 -14.00 3.05 -3.48
C GLU B 85 -12.81 3.21 -2.56
N CYS B 86 -12.13 2.11 -2.25
CA CYS B 86 -10.96 2.21 -1.39
C CYS B 86 -9.90 3.01 -2.12
N ARG B 87 -9.34 4.00 -1.44
CA ARG B 87 -8.34 4.85 -2.04
C ARG B 87 -7.49 5.53 -0.96
N ASN B 88 -6.17 5.48 -1.14
CA ASN B 88 -5.25 6.12 -0.21
C ASN B 88 -4.18 6.78 -1.07
N GLU B 89 -4.55 7.90 -1.67
CA GLU B 89 -3.68 8.67 -2.54
C GLU B 89 -3.19 7.80 -3.69
N ASP B 90 -1.87 7.67 -3.85
CA ASP B 90 -1.31 6.87 -4.94
C ASP B 90 -0.84 5.49 -4.55
N LEU B 91 -0.92 5.16 -3.27
CA LEU B 91 -0.49 3.84 -2.82
C LEU B 91 -1.60 2.81 -3.03
N ILE B 92 -2.82 3.15 -2.63
CA ILE B 92 -3.97 2.26 -2.78
C ILE B 92 -5.06 2.88 -3.65
N ASN B 93 -5.51 2.15 -4.67
CA ASN B 93 -6.54 2.65 -5.56
C ASN B 93 -7.38 1.51 -6.17
N GLY B 94 -8.56 1.27 -5.60
CA GLY B 94 -9.42 0.22 -6.09
C GLY B 94 -9.90 0.39 -7.51
N ILE B 95 -10.23 1.62 -7.89
CA ILE B 95 -10.70 1.92 -9.25
C ILE B 95 -9.62 1.55 -10.26
N LYS B 96 -8.37 1.92 -9.94
CA LYS B 96 -7.22 1.65 -10.79
C LYS B 96 -7.11 0.14 -10.98
N GLN B 97 -7.29 -0.59 -9.89
CA GLN B 97 -7.24 -2.05 -9.92
C GLN B 97 -8.32 -2.62 -10.84
N LEU B 98 -9.53 -2.08 -10.71
CA LEU B 98 -10.66 -2.55 -11.50
C LEU B 98 -10.49 -2.23 -12.98
N LYS B 99 -9.88 -1.08 -13.27
CA LYS B 99 -9.67 -0.69 -14.67
C LYS B 99 -8.70 -1.67 -15.32
N GLU B 100 -7.79 -2.24 -14.53
CA GLU B 100 -6.81 -3.17 -15.05
C GLU B 100 -7.22 -4.62 -14.84
N LYS B 101 -8.38 -4.83 -14.23
CA LYS B 101 -8.89 -6.18 -13.98
C LYS B 101 -9.61 -6.71 -15.22
N GLU B 102 -9.27 -7.93 -15.64
CA GLU B 102 -9.92 -8.51 -16.80
C GLU B 102 -11.31 -9.01 -16.39
N SER B 103 -12.23 -9.00 -17.34
CA SER B 103 -13.59 -9.45 -17.09
C SER B 103 -13.65 -10.98 -17.07
N PRO B 104 -14.59 -11.56 -16.31
CA PRO B 104 -15.60 -10.85 -15.51
C PRO B 104 -15.04 -10.35 -14.19
N ARG B 105 -15.26 -9.07 -13.91
CA ARG B 105 -14.78 -8.45 -12.67
C ARG B 105 -15.76 -8.61 -11.51
N ILE B 106 -15.21 -8.87 -10.32
CA ILE B 106 -16.01 -8.98 -9.11
C ILE B 106 -15.61 -7.73 -8.33
N VAL B 107 -16.59 -6.89 -8.02
CA VAL B 107 -16.38 -5.64 -7.33
C VAL B 107 -16.91 -5.62 -5.90
N LYS B 108 -16.06 -5.25 -4.94
CA LYS B 108 -16.48 -5.16 -3.57
C LYS B 108 -16.76 -3.70 -3.24
N THR B 109 -17.80 -3.45 -2.44
CA THR B 109 -18.17 -2.10 -2.05
C THR B 109 -19.00 -2.09 -0.76
N HIS B 110 -18.97 -0.96 -0.05
CA HIS B 110 -19.73 -0.79 1.18
C HIS B 110 -20.65 0.42 0.98
N LEU B 111 -20.73 0.91 -0.25
CA LEU B 111 -21.54 2.07 -0.57
C LEU B 111 -23.05 1.86 -0.58
N PRO B 112 -23.82 2.84 -0.06
CA PRO B 112 -25.28 2.71 -0.05
C PRO B 112 -25.68 2.87 -1.52
N PRO B 113 -26.88 2.41 -1.92
CA PRO B 113 -27.28 2.52 -3.32
C PRO B 113 -27.14 3.90 -3.96
N LYS B 114 -27.36 4.95 -3.18
CA LYS B 114 -27.27 6.31 -3.71
C LYS B 114 -25.86 6.79 -4.06
N LEU B 115 -24.83 6.10 -3.54
CA LEU B 115 -23.45 6.50 -3.83
C LEU B 115 -22.75 5.56 -4.81
N LEU B 116 -23.37 4.41 -5.08
CA LEU B 116 -22.80 3.44 -6.00
C LEU B 116 -22.73 4.05 -7.41
N PRO B 117 -21.63 3.83 -8.15
CA PRO B 117 -21.53 4.38 -9.50
C PRO B 117 -22.80 4.06 -10.30
N ALA B 118 -23.42 5.09 -10.87
CA ALA B 118 -24.65 4.92 -11.63
C ALA B 118 -24.53 3.96 -12.80
N SER B 119 -23.32 3.81 -13.33
CA SER B 119 -23.09 2.91 -14.46
C SER B 119 -23.48 1.47 -14.17
N PHE B 120 -23.35 1.04 -12.92
CA PHE B 120 -23.70 -0.33 -12.53
C PHE B 120 -25.20 -0.56 -12.71
N TRP B 121 -26.00 0.41 -12.28
CA TRP B 121 -27.44 0.32 -12.41
C TRP B 121 -27.77 0.40 -13.89
N GLU B 122 -27.13 1.34 -14.57
CA GLU B 122 -27.34 1.56 -15.99
C GLU B 122 -27.10 0.32 -16.85
N LYS B 123 -26.06 -0.43 -16.55
CA LYS B 123 -25.76 -1.63 -17.31
C LYS B 123 -26.54 -2.82 -16.75
N ASN B 124 -27.33 -2.56 -15.70
CA ASN B 124 -28.14 -3.59 -15.06
C ASN B 124 -27.29 -4.75 -14.57
N CYS B 125 -26.17 -4.44 -13.92
CA CYS B 125 -25.27 -5.48 -13.43
C CYS B 125 -25.87 -6.30 -12.29
N LYS B 126 -25.54 -7.59 -12.27
CA LYS B 126 -26.00 -8.48 -11.22
C LYS B 126 -25.30 -7.99 -9.96
N MET B 127 -25.96 -8.07 -8.82
CA MET B 127 -25.38 -7.64 -7.57
C MET B 127 -25.80 -8.57 -6.45
N ILE B 128 -24.95 -8.68 -5.44
CA ILE B 128 -25.24 -9.51 -4.28
C ILE B 128 -25.06 -8.64 -3.05
N TYR B 129 -26.13 -8.45 -2.30
CA TYR B 129 -26.06 -7.67 -1.09
C TYR B 129 -26.14 -8.61 0.10
N LEU B 130 -25.23 -8.42 1.05
CA LEU B 130 -25.22 -9.26 2.24
C LEU B 130 -25.34 -8.40 3.49
N CYS B 131 -26.20 -8.82 4.41
CA CYS B 131 -26.38 -8.09 5.67
C CYS B 131 -26.24 -9.05 6.85
N ARG B 132 -26.17 -8.48 8.05
CA ARG B 132 -26.01 -9.25 9.28
C ARG B 132 -26.82 -8.50 10.32
N ASN B 133 -27.23 -9.16 11.39
CA ASN B 133 -28.02 -8.45 12.39
C ASN B 133 -27.21 -7.30 12.99
N ALA B 134 -27.86 -6.13 13.04
CA ALA B 134 -27.25 -4.90 13.52
C ALA B 134 -26.42 -4.95 14.81
N LYS B 135 -26.86 -5.71 15.81
CA LYS B 135 -26.12 -5.78 17.06
C LYS B 135 -24.79 -6.49 16.88
N ASP B 136 -24.76 -7.51 16.02
CA ASP B 136 -23.52 -8.24 15.78
C ASP B 136 -22.60 -7.48 14.84
N VAL B 137 -23.20 -6.63 14.01
CA VAL B 137 -22.44 -5.80 13.08
C VAL B 137 -21.70 -4.76 13.91
N ALA B 138 -22.43 -4.14 14.84
CA ALA B 138 -21.87 -3.12 15.71
C ALA B 138 -20.67 -3.62 16.49
N VAL B 139 -20.73 -4.87 16.95
CA VAL B 139 -19.63 -5.47 17.69
C VAL B 139 -18.41 -5.66 16.80
N SER B 140 -18.61 -6.25 15.63
CA SER B 140 -17.54 -6.50 14.66
C SER B 140 -16.98 -5.19 14.13
N TYR B 141 -17.84 -4.20 14.00
CA TYR B 141 -17.48 -2.89 13.49
C TYR B 141 -16.60 -2.17 14.52
N TYR B 142 -16.95 -2.36 15.79
CA TYR B 142 -16.22 -1.74 16.88
C TYR B 142 -14.75 -2.17 16.89
N TYR B 143 -14.52 -3.45 16.68
CA TYR B 143 -13.16 -3.99 16.65
C TYR B 143 -12.44 -3.58 15.38
N PHE B 144 -13.20 -3.41 14.31
CA PHE B 144 -12.65 -2.98 13.03
C PHE B 144 -12.02 -1.60 13.23
N LEU B 145 -12.72 -0.74 13.94
CA LEU B 145 -12.23 0.61 14.22
C LEU B 145 -10.96 0.55 15.05
N LEU B 146 -10.89 -0.39 15.98
CA LEU B 146 -9.72 -0.54 16.83
C LEU B 146 -8.53 -1.01 15.99
N MET B 147 -8.77 -1.99 15.14
CA MET B 147 -7.72 -2.55 14.30
C MET B 147 -7.16 -1.59 13.25
N ILE B 148 -7.99 -0.70 12.71
CA ILE B 148 -7.50 0.25 11.71
C ILE B 148 -6.69 1.36 12.41
N THR B 149 -5.38 1.29 12.26
CA THR B 149 -4.47 2.25 12.90
C THR B 149 -4.85 3.73 12.73
N SER B 150 -5.26 4.12 11.53
CA SER B 150 -5.62 5.51 11.30
C SER B 150 -7.03 5.92 11.73
N TYR B 151 -7.79 5.00 12.32
CA TYR B 151 -9.13 5.35 12.79
C TYR B 151 -9.10 5.49 14.30
N PRO B 152 -9.54 6.65 14.82
CA PRO B 152 -9.53 6.86 16.27
C PRO B 152 -10.36 5.81 17.02
N ASN B 153 -9.74 5.16 18.01
CA ASN B 153 -10.41 4.13 18.78
C ASN B 153 -11.52 4.70 19.65
N PRO B 154 -12.72 4.09 19.58
CA PRO B 154 -13.83 4.59 20.40
C PRO B 154 -13.44 4.58 21.89
N LYS B 155 -13.95 5.54 22.65
CA LYS B 155 -13.65 5.64 24.08
C LYS B 155 -14.16 4.42 24.83
N SER B 156 -15.16 3.77 24.26
CA SER B 156 -15.75 2.58 24.85
C SER B 156 -16.77 2.04 23.85
N PHE B 157 -17.18 0.79 24.04
CA PHE B 157 -18.15 0.19 23.15
C PHE B 157 -19.43 1.01 23.12
N SER B 158 -19.89 1.43 24.30
CA SER B 158 -21.12 2.22 24.40
C SER B 158 -21.04 3.49 23.58
N GLU B 159 -19.95 4.22 23.73
CA GLU B 159 -19.75 5.47 22.98
C GLU B 159 -19.85 5.18 21.49
N PHE B 160 -19.27 4.05 21.07
CA PHE B 160 -19.30 3.66 19.68
C PHE B 160 -20.74 3.35 19.24
N VAL B 161 -21.48 2.62 20.06
CA VAL B 161 -22.86 2.25 19.74
C VAL B 161 -23.74 3.48 19.58
N GLU B 162 -23.50 4.51 20.40
CA GLU B 162 -24.27 5.73 20.28
C GLU B 162 -24.06 6.29 18.88
N LYS B 163 -22.82 6.25 18.42
CA LYS B 163 -22.48 6.74 17.09
C LYS B 163 -23.09 5.85 16.02
N PHE B 164 -23.08 4.55 16.25
CA PHE B 164 -23.65 3.59 15.31
C PHE B 164 -25.13 3.83 15.08
N MET B 165 -25.86 4.10 16.17
CA MET B 165 -27.30 4.34 16.09
C MET B 165 -27.58 5.64 15.33
N GLN B 166 -26.66 6.60 15.45
CA GLN B 166 -26.80 7.89 14.77
C GLN B 166 -26.31 7.83 13.33
N GLY B 167 -25.74 6.70 12.93
CA GLY B 167 -25.23 6.59 11.58
C GLY B 167 -23.99 7.47 11.46
N GLN B 168 -23.36 7.75 12.59
CA GLN B 168 -22.17 8.58 12.61
C GLN B 168 -20.90 7.75 12.61
N VAL B 169 -20.86 6.79 11.70
CA VAL B 169 -19.71 5.90 11.54
C VAL B 169 -19.46 5.81 10.04
N PRO B 170 -18.24 5.45 9.63
CA PRO B 170 -17.95 5.34 8.20
C PRO B 170 -19.02 4.56 7.45
N TYR B 171 -19.51 5.14 6.36
CA TYR B 171 -20.54 4.55 5.53
C TYR B 171 -21.96 4.78 6.04
N GLY B 172 -22.05 5.60 7.09
CA GLY B 172 -23.34 5.99 7.65
C GLY B 172 -24.25 5.01 8.36
N SER B 173 -25.53 5.32 8.31
CA SER B 173 -26.58 4.53 8.96
C SER B 173 -26.76 3.12 8.39
N TRP B 174 -26.58 2.13 9.26
CA TRP B 174 -26.74 0.73 8.89
C TRP B 174 -28.20 0.56 8.46
N TYR B 175 -29.09 1.23 9.17
CA TYR B 175 -30.53 1.17 8.90
C TYR B 175 -30.89 1.63 7.49
N ASP B 176 -30.40 2.82 7.12
CA ASP B 176 -30.65 3.38 5.79
C ASP B 176 -30.01 2.49 4.75
N HIS B 177 -28.83 1.98 5.10
CA HIS B 177 -28.08 1.11 4.20
C HIS B 177 -28.88 -0.14 3.82
N VAL B 178 -29.33 -0.88 4.83
CA VAL B 178 -30.10 -2.11 4.60
C VAL B 178 -31.43 -1.85 3.91
N LYS B 179 -32.17 -0.86 4.38
CA LYS B 179 -33.46 -0.53 3.79
C LYS B 179 -33.37 -0.19 2.29
N ALA B 180 -32.44 0.70 1.95
CA ALA B 180 -32.28 1.11 0.56
C ALA B 180 -31.91 -0.07 -0.34
N TRP B 181 -30.97 -0.90 0.12
CA TRP B 181 -30.54 -2.05 -0.65
C TRP B 181 -31.64 -3.11 -0.72
N TRP B 182 -32.42 -3.21 0.35
CA TRP B 182 -33.53 -4.15 0.39
C TRP B 182 -34.50 -3.76 -0.72
N GLU B 183 -34.80 -2.47 -0.82
CA GLU B 183 -35.69 -1.98 -1.86
C GLU B 183 -35.11 -2.27 -3.24
N LYS B 184 -33.80 -2.09 -3.38
CA LYS B 184 -33.15 -2.35 -4.65
C LYS B 184 -33.24 -3.84 -5.02
N SER B 185 -33.32 -4.68 -4.00
CA SER B 185 -33.39 -6.12 -4.23
C SER B 185 -34.69 -6.57 -4.89
N LYS B 186 -35.61 -5.65 -5.12
CA LYS B 186 -36.85 -5.98 -5.80
C LYS B 186 -36.43 -6.54 -7.16
N ASN B 187 -35.34 -6.00 -7.68
CA ASN B 187 -34.79 -6.43 -8.96
C ASN B 187 -34.33 -7.89 -8.83
N SER B 188 -34.68 -8.70 -9.82
CA SER B 188 -34.30 -10.11 -9.81
C SER B 188 -32.79 -10.28 -9.99
N ARG B 189 -32.13 -9.20 -10.40
CA ARG B 189 -30.68 -9.23 -10.62
C ARG B 189 -29.90 -8.73 -9.40
N VAL B 190 -30.61 -8.46 -8.31
CA VAL B 190 -30.00 -8.02 -7.07
C VAL B 190 -30.40 -9.03 -5.99
N LEU B 191 -29.49 -9.94 -5.67
CA LEU B 191 -29.72 -10.98 -4.67
C LEU B 191 -29.48 -10.47 -3.25
N PHE B 192 -30.47 -10.63 -2.38
CA PHE B 192 -30.36 -10.18 -1.00
C PHE B 192 -30.12 -11.40 -0.08
N MET B 193 -29.04 -11.36 0.69
CA MET B 193 -28.68 -12.47 1.56
C MET B 193 -28.38 -12.09 3.00
N PHE B 194 -28.36 -13.09 3.87
CA PHE B 194 -28.10 -12.87 5.30
C PHE B 194 -26.93 -13.68 5.83
N TYR B 195 -26.09 -13.02 6.62
CA TYR B 195 -24.92 -13.67 7.23
C TYR B 195 -25.38 -14.87 8.06
N GLU B 196 -26.43 -14.67 8.85
CA GLU B 196 -26.97 -15.71 9.70
C GLU B 196 -27.53 -16.90 8.92
N ASP B 197 -27.92 -16.67 7.67
CA ASP B 197 -28.44 -17.75 6.83
C ASP B 197 -27.27 -18.60 6.33
N MET B 198 -26.12 -17.97 6.11
CA MET B 198 -24.93 -18.69 5.66
C MET B 198 -24.39 -19.48 6.84
N LYS B 199 -24.63 -18.96 8.05
CA LYS B 199 -24.19 -19.62 9.26
C LYS B 199 -25.07 -20.85 9.56
N GLU B 200 -26.37 -20.66 9.54
CA GLU B 200 -27.32 -21.73 9.86
C GLU B 200 -27.68 -22.70 8.73
N ASP B 201 -27.32 -22.36 7.51
CA ASP B 201 -27.65 -23.24 6.40
C ASP B 201 -26.84 -22.89 5.16
N ILE B 202 -25.53 -23.12 5.25
CA ILE B 202 -24.62 -22.80 4.17
C ILE B 202 -24.89 -23.53 2.85
N ARG B 203 -25.14 -24.83 2.91
CA ARG B 203 -25.38 -25.61 1.71
C ARG B 203 -26.44 -24.95 0.82
N ARG B 204 -27.53 -24.52 1.44
CA ARG B 204 -28.62 -23.87 0.71
C ARG B 204 -28.20 -22.54 0.10
N GLU B 205 -27.58 -21.70 0.92
CA GLU B 205 -27.12 -20.39 0.49
C GLU B 205 -26.10 -20.50 -0.67
N VAL B 206 -25.25 -21.53 -0.61
CA VAL B 206 -24.26 -21.75 -1.65
C VAL B 206 -24.95 -22.15 -2.94
N VAL B 207 -25.87 -23.11 -2.85
CA VAL B 207 -26.61 -23.56 -4.03
C VAL B 207 -27.37 -22.37 -4.62
N LYS B 208 -27.91 -21.53 -3.75
CA LYS B 208 -28.65 -20.35 -4.17
C LYS B 208 -27.74 -19.42 -4.97
N LEU B 209 -26.54 -19.18 -4.46
CA LEU B 209 -25.59 -18.31 -5.14
C LEU B 209 -25.17 -18.91 -6.48
N ILE B 210 -24.82 -20.19 -6.47
CA ILE B 210 -24.40 -20.86 -7.70
C ILE B 210 -25.44 -20.71 -8.79
N GLU B 211 -26.71 -20.76 -8.41
CA GLU B 211 -27.80 -20.63 -9.38
C GLU B 211 -28.02 -19.19 -9.81
N PHE B 212 -27.88 -18.27 -8.86
CA PHE B 212 -28.06 -16.87 -9.16
C PHE B 212 -27.00 -16.47 -10.20
N LEU B 213 -25.82 -17.07 -10.09
CA LEU B 213 -24.72 -16.78 -11.00
C LEU B 213 -24.76 -17.67 -12.23
N GLU B 214 -25.91 -18.32 -12.43
CA GLU B 214 -26.13 -19.20 -13.58
C GLU B 214 -25.11 -20.30 -13.80
N ARG B 215 -24.84 -21.07 -12.75
CA ARG B 215 -23.89 -22.17 -12.85
C ARG B 215 -24.60 -23.42 -12.39
N LYS B 216 -24.06 -24.57 -12.81
CA LYS B 216 -24.63 -25.86 -12.46
C LYS B 216 -24.16 -26.30 -11.08
N PRO B 217 -25.09 -26.40 -10.11
CA PRO B 217 -24.69 -26.82 -8.77
C PRO B 217 -24.52 -28.34 -8.71
N SER B 218 -23.36 -28.77 -8.26
CA SER B 218 -23.07 -30.18 -8.12
C SER B 218 -22.54 -30.37 -6.71
N ALA B 219 -22.59 -31.61 -6.21
CA ALA B 219 -22.09 -31.89 -4.87
C ALA B 219 -20.65 -31.43 -4.76
N GLU B 220 -19.82 -31.88 -5.70
CA GLU B 220 -18.41 -31.53 -5.72
C GLU B 220 -18.19 -30.04 -5.49
N LEU B 221 -18.84 -29.22 -6.30
CA LEU B 221 -18.71 -27.76 -6.21
C LEU B 221 -19.20 -27.19 -4.89
N VAL B 222 -20.42 -27.55 -4.50
CA VAL B 222 -20.99 -27.04 -3.26
C VAL B 222 -20.15 -27.45 -2.05
N ASP B 223 -19.71 -28.70 -2.02
CA ASP B 223 -18.92 -29.18 -0.89
C ASP B 223 -17.51 -28.59 -0.83
N ARG B 224 -16.89 -28.38 -1.98
CA ARG B 224 -15.54 -27.80 -2.01
C ARG B 224 -15.62 -26.40 -1.41
N ILE B 225 -16.64 -25.66 -1.81
CA ILE B 225 -16.86 -24.30 -1.33
C ILE B 225 -17.14 -24.26 0.16
N ILE B 226 -18.01 -25.14 0.62
CA ILE B 226 -18.36 -25.18 2.04
C ILE B 226 -17.11 -25.45 2.89
N GLN B 227 -16.30 -26.40 2.43
CA GLN B 227 -15.09 -26.77 3.14
C GLN B 227 -14.10 -25.62 3.17
N HIS B 228 -13.86 -25.03 2.00
CA HIS B 228 -12.92 -23.94 1.86
C HIS B 228 -13.33 -22.61 2.49
N THR B 229 -14.62 -22.39 2.69
CA THR B 229 -15.04 -21.12 3.26
C THR B 229 -15.47 -21.12 4.72
N SER B 230 -15.19 -22.19 5.44
CA SER B 230 -15.53 -22.23 6.86
C SER B 230 -14.69 -21.18 7.58
N PHE B 231 -15.09 -20.79 8.78
CA PHE B 231 -14.35 -19.78 9.55
C PHE B 231 -12.91 -20.22 9.80
N GLN B 232 -12.74 -21.44 10.29
CA GLN B 232 -11.42 -21.95 10.56
C GLN B 232 -10.56 -21.94 9.29
N GLU B 233 -11.15 -22.37 8.19
CA GLU B 233 -10.45 -22.42 6.91
C GLU B 233 -10.03 -21.04 6.39
N MET B 234 -10.92 -20.05 6.49
CA MET B 234 -10.64 -18.71 6.00
C MET B 234 -9.65 -18.01 6.93
N LYS B 235 -9.71 -18.36 8.21
CA LYS B 235 -8.74 -17.88 9.16
C LYS B 235 -7.71 -18.89 8.67
N ASN B 236 -6.42 -18.73 8.96
CA ASN B 236 -5.45 -19.71 8.46
C ASN B 236 -5.17 -19.54 6.96
N ASN B 237 -6.10 -18.97 6.20
CA ASN B 237 -5.82 -18.72 4.79
C ASN B 237 -5.28 -17.29 4.74
N PRO B 238 -3.98 -17.13 4.42
CA PRO B 238 -3.33 -15.81 4.35
C PRO B 238 -3.95 -14.89 3.31
N SER B 239 -4.57 -15.50 2.30
CA SER B 239 -5.21 -14.75 1.23
C SER B 239 -6.48 -14.06 1.69
N THR B 240 -7.13 -14.65 2.71
CA THR B 240 -8.38 -14.12 3.21
C THR B 240 -8.37 -13.53 4.64
N ASN B 241 -7.38 -13.89 5.46
CA ASN B 241 -7.35 -13.37 6.82
C ASN B 241 -6.70 -11.99 6.94
N TYR B 242 -6.43 -11.37 5.80
CA TYR B 242 -5.83 -10.05 5.74
C TYR B 242 -4.46 -9.89 6.39
N THR B 243 -3.69 -10.96 6.44
CA THR B 243 -2.35 -10.90 7.00
C THR B 243 -1.41 -10.47 5.86
N MET B 244 -1.95 -10.37 4.65
CA MET B 244 -1.20 -9.94 3.47
C MET B 244 -1.29 -8.42 3.41
N MET B 245 -1.89 -7.84 4.44
CA MET B 245 -2.07 -6.39 4.53
C MET B 245 -1.23 -5.83 5.69
N PRO B 246 -0.29 -4.93 5.39
CA PRO B 246 0.62 -4.27 6.34
C PRO B 246 0.02 -3.92 7.69
N GLU B 247 0.73 -4.31 8.75
CA GLU B 247 0.30 -4.05 10.12
C GLU B 247 0.19 -2.56 10.41
N GLU B 248 0.91 -1.75 9.66
CA GLU B 248 0.88 -0.31 9.85
C GLU B 248 -0.51 0.22 9.49
N MET B 249 -1.24 -0.55 8.70
CA MET B 249 -2.59 -0.18 8.27
C MET B 249 -3.64 -0.91 9.12
N MET B 250 -3.57 -2.24 9.08
CA MET B 250 -4.48 -3.10 9.82
C MET B 250 -3.71 -3.82 10.90
N ASN B 251 -3.79 -3.33 12.13
CA ASN B 251 -3.07 -3.97 13.23
C ASN B 251 -3.88 -5.12 13.85
N GLN B 252 -3.69 -6.32 13.31
CA GLN B 252 -4.40 -7.49 13.80
C GLN B 252 -3.92 -7.95 15.18
N LYS B 253 -2.97 -7.22 15.76
CA LYS B 253 -2.46 -7.54 17.08
C LYS B 253 -3.49 -6.97 18.04
N VAL B 254 -4.12 -5.87 17.63
CA VAL B 254 -5.16 -5.21 18.42
C VAL B 254 -6.40 -6.11 18.42
N SER B 255 -6.74 -6.60 17.23
CA SER B 255 -7.89 -7.49 17.03
C SER B 255 -7.71 -8.18 15.68
N PRO B 256 -7.84 -9.52 15.64
CA PRO B 256 -7.69 -10.20 14.36
C PRO B 256 -8.89 -9.96 13.46
N PHE B 257 -8.69 -10.09 12.15
CA PHE B 257 -9.77 -9.88 11.21
C PHE B 257 -10.78 -11.01 11.40
N MET B 258 -10.31 -12.24 11.30
CA MET B 258 -11.15 -13.41 11.51
C MET B 258 -11.21 -13.51 13.03
N ARG B 259 -12.05 -12.67 13.61
CA ARG B 259 -12.21 -12.57 15.06
C ARG B 259 -12.89 -13.76 15.73
N LYS B 260 -14.20 -13.87 15.55
CA LYS B 260 -14.97 -14.96 16.16
C LYS B 260 -15.79 -15.71 15.11
N GLY B 261 -16.43 -14.97 14.22
CA GLY B 261 -17.22 -15.61 13.18
C GLY B 261 -18.45 -16.34 13.70
N ILE B 262 -19.08 -15.78 14.74
CA ILE B 262 -20.28 -16.38 15.32
C ILE B 262 -21.48 -15.44 15.31
N ILE B 263 -22.61 -15.95 15.76
CA ILE B 263 -23.84 -15.18 15.85
C ILE B 263 -24.07 -14.94 17.34
N GLY B 264 -24.52 -13.74 17.69
CA GLY B 264 -24.79 -13.44 19.08
C GLY B 264 -23.67 -12.89 19.95
N ASP B 265 -22.53 -12.51 19.36
CA ASP B 265 -21.44 -11.97 20.16
C ASP B 265 -21.85 -10.67 20.85
N TRP B 266 -22.97 -10.10 20.42
CA TRP B 266 -23.45 -8.86 21.04
C TRP B 266 -23.74 -9.06 22.52
N LYS B 267 -24.09 -10.30 22.88
CA LYS B 267 -24.42 -10.64 24.27
C LYS B 267 -23.22 -10.44 25.20
N ASN B 268 -22.02 -10.42 24.62
CA ASN B 268 -20.80 -10.23 25.39
C ASN B 268 -20.32 -8.79 25.36
N HIS B 269 -21.13 -7.88 24.82
CA HIS B 269 -20.73 -6.49 24.71
C HIS B 269 -21.78 -5.45 25.10
N PHE B 270 -23.03 -5.69 24.71
CA PHE B 270 -24.12 -4.77 25.02
C PHE B 270 -24.65 -4.88 26.46
N PRO B 271 -24.41 -3.86 27.30
CA PRO B 271 -24.96 -4.03 28.65
C PRO B 271 -26.49 -4.06 28.48
N GLU B 272 -27.21 -4.53 29.51
CA GLU B 272 -28.67 -4.61 29.45
C GLU B 272 -29.32 -3.32 28.97
N ALA B 273 -28.96 -2.23 29.64
CA ALA B 273 -29.50 -0.91 29.32
C ALA B 273 -29.32 -0.56 27.85
N LEU B 274 -28.08 -0.64 27.37
CA LEU B 274 -27.79 -0.31 25.98
C LEU B 274 -28.56 -1.18 24.99
N ARG B 275 -28.64 -2.48 25.26
CA ARG B 275 -29.35 -3.38 24.37
C ARG B 275 -30.81 -2.97 24.22
N GLU B 276 -31.47 -2.68 25.34
CA GLU B 276 -32.86 -2.29 25.31
C GLU B 276 -33.03 -0.99 24.53
N ARG B 277 -32.09 -0.06 24.71
CA ARG B 277 -32.13 1.22 24.02
C ARG B 277 -31.86 1.03 22.53
N PHE B 278 -30.90 0.17 22.21
CA PHE B 278 -30.55 -0.11 20.83
C PHE B 278 -31.71 -0.78 20.12
N ASP B 279 -32.26 -1.82 20.74
CA ASP B 279 -33.38 -2.56 20.15
C ASP B 279 -34.62 -1.71 19.97
N GLU B 280 -34.87 -0.79 20.89
CA GLU B 280 -36.02 0.09 20.79
C GLU B 280 -35.82 0.98 19.56
N HIS B 281 -34.63 1.54 19.45
CA HIS B 281 -34.26 2.40 18.34
C HIS B 281 -34.39 1.64 17.02
N TYR B 282 -33.90 0.40 17.04
CA TYR B 282 -33.95 -0.46 15.86
C TYR B 282 -35.39 -0.58 15.38
N LYS B 283 -36.29 -0.83 16.34
CA LYS B 283 -37.72 -0.96 16.06
C LYS B 283 -38.23 0.22 15.27
N GLN B 284 -37.95 1.41 15.78
CA GLN B 284 -38.35 2.67 15.17
C GLN B 284 -37.77 2.81 13.77
N GLN B 285 -36.52 2.38 13.61
CA GLN B 285 -35.84 2.48 12.33
C GLN B 285 -36.35 1.51 11.28
N MET B 286 -36.43 0.24 11.65
CA MET B 286 -36.86 -0.80 10.73
C MET B 286 -38.36 -1.08 10.74
N LYS B 287 -39.08 -0.28 11.50
CA LYS B 287 -40.53 -0.42 11.62
C LYS B 287 -41.18 -0.94 10.33
N ASP B 288 -41.18 -0.10 9.31
CA ASP B 288 -41.81 -0.46 8.05
C ASP B 288 -40.95 -1.22 7.05
N CYS B 289 -39.98 -1.99 7.53
CA CYS B 289 -39.13 -2.75 6.61
C CYS B 289 -39.46 -4.23 6.68
N THR B 290 -39.79 -4.80 5.53
CA THR B 290 -40.18 -6.21 5.44
C THR B 290 -39.04 -7.22 5.34
N VAL B 291 -37.80 -6.74 5.41
CA VAL B 291 -36.63 -7.64 5.32
C VAL B 291 -36.75 -8.71 6.41
N LYS B 292 -36.41 -9.94 6.07
CA LYS B 292 -36.51 -11.03 7.04
C LYS B 292 -35.21 -11.55 7.63
N PHE B 293 -34.81 -10.98 8.78
CA PHE B 293 -33.61 -11.45 9.44
C PHE B 293 -33.98 -12.75 10.17
N ARG B 294 -33.02 -13.64 10.33
CA ARG B 294 -33.27 -14.92 11.00
C ARG B 294 -33.45 -14.72 12.51
N MET B 295 -34.36 -15.51 13.11
CA MET B 295 -34.59 -15.42 14.55
C MET B 295 -33.37 -15.98 15.27
N GLU B 296 -32.94 -15.28 16.31
CA GLU B 296 -31.76 -15.65 17.09
C GLU B 296 -31.96 -16.84 18.04
V VO4 C . 15.30 6.84 -0.80
O1 VO4 C . 16.82 6.27 -0.42
O2 VO4 C . 14.96 7.22 -2.40
O3 VO4 C . 14.18 7.10 0.43
O4 VO4 C . 14.19 4.84 -0.87
P1 A3P D . 18.57 15.31 3.18
O1P A3P D . 18.05 14.38 4.19
O2P A3P D . 17.78 16.53 3.16
O3P A3P D . 19.97 15.62 3.45
P2 A3P D . 16.77 9.68 -1.48
O4P A3P D . 15.98 10.35 -2.50
O5P A3P D . 17.85 8.90 -2.08
O6P A3P D . 15.94 8.80 -0.59
O5' A3P D . 17.44 10.79 -0.60
C5' A3P D . 16.76 11.89 -0.06
C4' A3P D . 17.80 13.02 0.12
O4' A3P D . 18.01 13.66 -1.18
C3' A3P D . 17.35 14.13 1.05
O3' A3P D . 18.53 14.62 1.73
C2' A3P D . 16.72 15.12 0.07
O2' A3P D . 16.41 16.41 0.58
C1' A3P D . 17.69 15.06 -1.08
N9 A3P D . 17.06 15.61 -2.32
C8 A3P D . 15.99 15.15 -3.05
N7 A3P D . 15.68 15.87 -4.09
C5 A3P D . 16.60 16.89 -4.07
C6 A3P D . 16.83 18.02 -4.93
N6 A3P D . 16.09 18.30 -5.98
N1 A3P D . 17.87 18.87 -4.62
C2 A3P D . 18.66 18.63 -3.53
N3 A3P D . 18.55 17.60 -2.65
C4 A3P D . 17.49 16.75 -2.98
V VO4 E . -14.80 -5.45 5.65
O1 VO4 E . -14.77 -6.45 4.31
O2 VO4 E . -16.25 -4.72 6.06
O3 VO4 E . -13.47 -5.30 6.70
O4 VO4 E . -13.76 -3.67 4.59
P1 A3P F . -16.58 -10.90 13.69
O1P A3P F . -15.81 -9.71 14.06
O2P A3P F . -15.86 -12.14 14.01
O3P A3P F . -17.85 -10.89 14.36
P2 A3P F . -16.27 -8.20 6.64
O4P A3P F . -15.77 -9.32 5.85
O5P A3P F . -17.54 -7.69 6.09
O6P A3P F . -15.28 -7.11 6.76
O5' A3P F . -16.58 -8.73 8.08
C5' A3P F . -15.70 -9.45 8.90
C4' A3P F . -16.58 -10.27 9.83
O4' A3P F . -17.04 -11.44 9.08
C3' A3P F . -15.89 -10.86 11.06
O3' A3P F . -16.87 -10.87 12.11
C2' A3P F . -15.47 -12.24 10.59
O2' A3P F . -15.10 -13.16 11.58
C1' A3P F . -16.66 -12.64 9.74
N9 A3P F . -16.30 -13.73 8.80
C8 A3P F . -15.47 -13.73 7.70
N7 A3P F . -15.37 -14.87 7.07
C5 A3P F . -16.20 -15.71 7.79
C6 A3P F . -16.55 -17.10 7.66
N6 A3P F . -16.06 -17.88 6.70
N1 A3P F . -17.42 -17.64 8.58
C2 A3P F . -17.94 -16.86 9.59
N3 A3P F . -17.68 -15.54 9.82
C4 A3P F . -16.80 -15.03 8.87
#